data_5MAO
#
_entry.id   5MAO
#
_cell.length_a   38.510
_cell.length_b   48.270
_cell.length_c   64.970
_cell.angle_alpha   90.000
_cell.angle_beta   90.000
_cell.angle_gamma   90.000
#
_symmetry.space_group_name_H-M   'P 21 21 21'
#
loop_
_entity.id
_entity.type
_entity.pdbx_description
1 polymer 'Heat resistant RNA dependent ATPase'
2 non-polymer 'SULFATE ION'
3 water water
#
_entity_poly.entity_id   1
_entity_poly.type   'polypeptide(L)'
_entity_poly.pdbx_seq_one_letter_code
;GGMAERSLLTGEEGWRTYKATGPRLSLPRLVALLKGQGLEVGKVAEAEGGFYVDLRPEARPEVAGLRLEPA
;
_entity_poly.pdbx_strand_id   A,B
#
loop_
_chem_comp.id
_chem_comp.type
_chem_comp.name
_chem_comp.formula
SO4 non-polymer 'SULFATE ION' 'O4 S -2'
#
# COMPACT_ATOMS: atom_id res chain seq x y z
N GLY A 1 9.41 -4.28 -35.43
CA GLY A 1 9.95 -3.66 -34.24
C GLY A 1 10.29 -4.69 -33.19
N GLY A 2 10.63 -4.24 -31.98
CA GLY A 2 10.94 -5.17 -30.91
C GLY A 2 9.71 -5.49 -30.08
N MET A 3 9.33 -6.75 -29.99
CA MET A 3 8.09 -7.12 -29.31
C MET A 3 8.19 -6.80 -27.83
N ALA A 4 7.13 -6.24 -27.26
CA ALA A 4 7.17 -5.87 -25.85
C ALA A 4 5.84 -6.17 -25.18
N GLU A 5 5.88 -6.24 -23.84
CA GLU A 5 4.70 -6.51 -23.04
C GLU A 5 3.65 -5.43 -23.31
N ARG A 6 2.38 -5.81 -23.14
CA ARG A 6 1.27 -4.89 -23.34
C ARG A 6 0.68 -4.44 -22.00
N SER A 7 0.25 -3.17 -21.96
CA SER A 7 -0.45 -2.66 -20.79
C SER A 7 -1.72 -3.47 -20.56
N LEU A 8 -1.97 -3.86 -19.31
CA LEU A 8 -3.24 -4.46 -18.95
C LEU A 8 -4.36 -3.43 -18.86
N LEU A 9 -4.03 -2.15 -18.77
CA LEU A 9 -5.05 -1.12 -18.67
C LEU A 9 -5.57 -0.69 -20.04
N THR A 10 -4.70 -0.66 -21.04
CA THR A 10 -5.07 -0.15 -22.36
C THR A 10 -4.84 -1.13 -23.48
N GLY A 11 -4.04 -2.18 -23.29
CA GLY A 11 -3.66 -3.06 -24.37
C GLY A 11 -2.50 -2.57 -25.20
N GLU A 12 -1.97 -1.38 -24.91
CA GLU A 12 -0.93 -0.80 -25.75
C GLU A 12 0.39 -1.50 -25.52
N GLU A 13 1.08 -1.85 -26.60
CA GLU A 13 2.38 -2.49 -26.48
C GLU A 13 3.42 -1.52 -25.93
N GLY A 14 4.33 -2.02 -25.11
CA GLY A 14 5.38 -1.21 -24.54
C GLY A 14 5.23 -0.85 -23.08
N TRP A 15 4.38 -1.56 -22.34
CA TRP A 15 4.08 -1.19 -20.97
C TRP A 15 3.87 -2.43 -20.13
N ARG A 16 4.25 -2.34 -18.86
CA ARG A 16 3.95 -3.34 -17.86
C ARG A 16 3.12 -2.67 -16.80
N THR A 17 1.94 -3.21 -16.52
CA THR A 17 1.07 -2.64 -15.50
C THR A 17 1.53 -3.09 -14.11
N TYR A 18 1.67 -2.13 -13.19
CA TYR A 18 1.98 -2.40 -11.81
C TYR A 18 0.83 -1.95 -10.93
N LYS A 19 0.71 -2.59 -9.77
CA LYS A 19 -0.10 -2.04 -8.69
C LYS A 19 0.83 -1.27 -7.76
N ALA A 20 0.46 -0.01 -7.49
CA ALA A 20 1.25 0.89 -6.66
C ALA A 20 0.47 1.16 -5.38
N THR A 21 1.14 1.00 -4.24
CA THR A 21 0.55 1.32 -2.94
C THR A 21 1.60 2.06 -2.14
N GLY A 22 1.12 2.76 -1.11
CA GLY A 22 2.02 3.42 -0.19
C GLY A 22 1.26 4.37 0.70
N PRO A 23 1.95 4.95 1.69
CA PRO A 23 1.28 5.89 2.60
C PRO A 23 0.79 7.13 1.87
N ARG A 24 -0.38 7.63 2.32
CA ARG A 24 -0.94 8.89 1.85
C ARG A 24 -0.92 9.02 0.33
N LEU A 25 -1.15 7.92 -0.37
CA LEU A 25 -0.91 7.90 -1.80
C LEU A 25 -2.08 8.51 -2.55
N SER A 26 -1.80 9.55 -3.31
CA SER A 26 -2.74 10.22 -4.18
C SER A 26 -2.17 10.13 -5.57
N LEU A 27 -3.02 10.39 -6.56
CA LEU A 27 -2.53 10.41 -7.95
CA LEU A 27 -2.54 10.42 -7.95
C LEU A 27 -1.39 11.40 -8.13
N PRO A 28 -1.48 12.65 -7.67
CA PRO A 28 -0.33 13.56 -7.83
C PRO A 28 0.91 13.09 -7.11
N ARG A 29 0.77 12.53 -5.90
CA ARG A 29 1.93 12.02 -5.21
C ARG A 29 2.57 10.87 -5.97
N LEU A 30 1.74 9.96 -6.50
CA LEU A 30 2.24 8.85 -7.31
C LEU A 30 3.05 9.35 -8.50
N VAL A 31 2.48 10.30 -9.25
CA VAL A 31 3.15 10.83 -10.44
C VAL A 31 4.47 11.49 -10.04
N ALA A 32 4.44 12.32 -9.00
CA ALA A 32 5.64 13.04 -8.59
C ALA A 32 6.75 12.08 -8.16
N LEU A 33 6.39 11.00 -7.45
CA LEU A 33 7.41 10.06 -6.99
C LEU A 33 8.02 9.31 -8.17
N LEU A 34 7.18 8.86 -9.11
CA LEU A 34 7.69 8.14 -10.26
C LEU A 34 8.57 9.05 -11.12
N LYS A 35 8.12 10.28 -11.37
CA LYS A 35 8.92 11.19 -12.18
C LYS A 35 10.22 11.56 -11.48
N GLY A 36 10.20 11.68 -10.15
CA GLY A 36 11.42 11.99 -9.42
C GLY A 36 12.48 10.92 -9.56
N GLN A 37 12.06 9.67 -9.79
CA GLN A 37 12.94 8.54 -10.07
C GLN A 37 13.23 8.41 -11.56
N GLY A 38 12.75 9.34 -12.37
CA GLY A 38 13.01 9.33 -13.79
C GLY A 38 12.21 8.33 -14.59
N LEU A 39 11.15 7.79 -14.01
CA LEU A 39 10.38 6.74 -14.67
C LEU A 39 9.31 7.38 -15.55
N GLU A 40 9.20 6.90 -16.78
CA GLU A 40 8.14 7.33 -17.67
C GLU A 40 6.81 6.75 -17.19
N VAL A 41 5.78 7.59 -17.09
CA VAL A 41 4.50 7.20 -16.52
C VAL A 41 3.50 7.02 -17.66
N GLY A 42 2.99 5.81 -17.80
CA GLY A 42 1.92 5.54 -18.73
C GLY A 42 0.57 5.78 -18.08
N LYS A 43 -0.43 5.04 -18.52
CA LYS A 43 -1.76 5.15 -17.95
C LYS A 43 -1.75 4.89 -16.45
N VAL A 44 -2.58 5.63 -15.73
CA VAL A 44 -2.84 5.43 -14.30
C VAL A 44 -4.34 5.22 -14.12
N ALA A 45 -4.69 4.29 -13.24
CA ALA A 45 -6.08 3.99 -12.95
C ALA A 45 -6.18 3.59 -11.48
N GLU A 46 -7.42 3.45 -11.00
CA GLU A 46 -7.66 3.11 -9.60
C GLU A 46 -7.51 1.60 -9.38
N ALA A 47 -6.95 1.25 -8.22
CA ALA A 47 -6.83 -0.14 -7.78
C ALA A 47 -7.34 -0.25 -6.36
N GLU A 48 -7.50 -1.49 -5.89
CA GLU A 48 -7.88 -1.73 -4.50
C GLU A 48 -6.76 -1.24 -3.58
N GLY A 49 -7.01 -0.16 -2.85
CA GLY A 49 -6.04 0.35 -1.90
C GLY A 49 -4.87 1.08 -2.52
N GLY A 50 -4.97 1.46 -3.80
CA GLY A 50 -3.89 2.16 -4.46
C GLY A 50 -4.22 2.45 -5.90
N PHE A 51 -3.23 2.28 -6.77
CA PHE A 51 -3.41 2.59 -8.17
C PHE A 51 -2.76 1.52 -9.02
N TYR A 52 -3.26 1.39 -10.24
CA TYR A 52 -2.53 0.71 -11.31
C TYR A 52 -1.79 1.76 -12.11
N VAL A 53 -0.54 1.47 -12.45
CA VAL A 53 0.25 2.41 -13.23
C VAL A 53 1.09 1.61 -14.22
N ASP A 54 1.15 2.09 -15.44
CA ASP A 54 1.96 1.49 -16.49
C ASP A 54 3.34 2.10 -16.45
N LEU A 55 4.34 1.24 -16.38
CA LEU A 55 5.74 1.63 -16.50
C LEU A 55 6.35 0.86 -17.67
N ARG A 56 7.49 1.32 -18.14
CA ARG A 56 8.12 0.60 -19.25
C ARG A 56 8.57 -0.77 -18.76
N PRO A 57 8.57 -1.78 -19.64
CA PRO A 57 8.80 -3.17 -19.19
C PRO A 57 10.13 -3.37 -18.48
N GLU A 58 11.20 -2.71 -18.91
CA GLU A 58 12.51 -2.89 -18.30
C GLU A 58 12.84 -1.83 -17.27
N ALA A 59 11.92 -0.90 -17.01
CA ALA A 59 12.14 0.09 -15.96
C ALA A 59 12.33 -0.60 -14.61
N ARG A 60 13.21 -0.02 -13.80
CA ARG A 60 13.52 -0.59 -12.49
C ARG A 60 12.48 -0.05 -11.50
N PRO A 61 11.56 -0.89 -11.02
CA PRO A 61 10.42 -0.38 -10.23
C PRO A 61 10.73 -0.24 -8.74
N GLU A 62 11.68 0.64 -8.43
CA GLU A 62 12.15 0.83 -7.05
C GLU A 62 12.06 2.31 -6.73
N VAL A 63 11.05 2.69 -5.95
CA VAL A 63 10.77 4.10 -5.67
C VAL A 63 10.48 4.22 -4.18
N ALA A 64 11.30 5.00 -3.48
CA ALA A 64 11.04 5.26 -2.08
C ALA A 64 9.68 5.94 -1.92
N GLY A 65 8.85 5.40 -1.03
CA GLY A 65 7.49 5.86 -0.84
C GLY A 65 6.44 4.99 -1.51
N LEU A 66 6.84 4.04 -2.35
CA LEU A 66 5.91 3.19 -3.07
C LEU A 66 6.30 1.73 -2.93
N ARG A 67 5.29 0.86 -2.94
CA ARG A 67 5.46 -0.55 -3.26
C ARG A 67 4.86 -0.76 -4.64
N LEU A 68 5.65 -1.37 -5.53
CA LEU A 68 5.28 -1.58 -6.92
C LEU A 68 5.38 -3.07 -7.23
N GLU A 69 4.25 -3.70 -7.51
CA GLU A 69 4.25 -5.12 -7.83
C GLU A 69 3.52 -5.32 -9.15
N PRO A 70 4.04 -6.18 -10.03
CA PRO A 70 3.38 -6.38 -11.33
C PRO A 70 1.95 -6.85 -11.12
N ALA A 71 1.04 -6.33 -11.93
CA ALA A 71 -0.37 -6.66 -11.81
C ALA A 71 -0.80 -7.75 -12.78
N GLY B 1 20.34 -10.02 13.97
CA GLY B 1 18.95 -10.11 13.52
C GLY B 1 18.64 -8.99 12.53
N GLY B 2 17.44 -9.03 11.95
CA GLY B 2 17.07 -8.05 10.95
C GLY B 2 16.37 -6.88 11.59
N MET B 3 16.85 -5.68 11.28
CA MET B 3 16.26 -4.47 11.84
C MET B 3 14.85 -4.27 11.28
N ALA B 4 13.93 -3.82 12.13
CA ALA B 4 12.56 -3.63 11.67
C ALA B 4 11.94 -2.44 12.39
N GLU B 5 10.88 -1.91 11.79
CA GLU B 5 10.18 -0.76 12.33
C GLU B 5 9.65 -1.08 13.72
N ARG B 6 9.61 -0.06 14.58
CA ARG B 6 9.10 -0.20 15.94
C ARG B 6 7.66 0.30 16.06
N SER B 7 6.89 -0.38 16.90
CA SER B 7 5.56 0.08 17.23
C SER B 7 5.60 1.45 17.88
N LEU B 8 4.71 2.34 17.45
CA LEU B 8 4.55 3.61 18.14
C LEU B 8 3.75 3.48 19.43
N LEU B 9 3.07 2.36 19.63
CA LEU B 9 2.29 2.15 20.86
C LEU B 9 3.11 1.54 21.98
N THR B 10 4.03 0.61 21.65
CA THR B 10 4.80 -0.08 22.67
C THR B 10 6.30 0.11 22.53
N GLY B 11 6.80 0.58 21.39
CA GLY B 11 8.23 0.61 21.16
C GLY B 11 8.83 -0.70 20.71
N GLU B 12 8.04 -1.78 20.65
CA GLU B 12 8.60 -3.08 20.31
C GLU B 12 8.95 -3.13 18.82
N GLU B 13 10.12 -3.65 18.50
CA GLU B 13 10.54 -3.83 17.12
C GLU B 13 9.69 -4.91 16.45
N GLY B 14 9.39 -4.71 15.17
CA GLY B 14 8.64 -5.66 14.39
C GLY B 14 7.19 -5.28 14.11
N TRP B 15 6.84 -4.00 14.22
CA TRP B 15 5.46 -3.56 14.07
C TRP B 15 5.42 -2.20 13.39
N ARG B 16 4.36 -1.99 12.63
CA ARG B 16 4.05 -0.67 12.08
C ARG B 16 2.68 -0.27 12.59
N THR B 17 2.60 0.88 13.27
CA THR B 17 1.33 1.33 13.83
C THR B 17 0.48 2.02 12.77
N TYR B 18 -0.77 1.57 12.63
CA TYR B 18 -1.74 2.16 11.73
C TYR B 18 -2.85 2.84 12.51
N LYS B 19 -3.44 3.85 11.92
CA LYS B 19 -4.76 4.32 12.33
C LYS B 19 -5.81 3.58 11.52
N ALA B 20 -6.80 3.02 12.20
CA ALA B 20 -7.86 2.25 11.60
C ALA B 20 -9.18 2.97 11.82
N THR B 21 -9.95 3.14 10.74
CA THR B 21 -11.29 3.69 10.81
C THR B 21 -12.19 2.84 9.94
N GLY B 22 -13.49 3.00 10.12
CA GLY B 22 -14.44 2.27 9.30
C GLY B 22 -15.81 2.34 9.94
N PRO B 23 -16.82 1.85 9.25
CA PRO B 23 -18.18 1.91 9.79
C PRO B 23 -18.32 1.11 11.07
N ARG B 24 -19.01 1.69 12.04
CA ARG B 24 -19.40 1.00 13.29
C ARG B 24 -18.22 0.30 13.94
N LEU B 25 -17.05 0.92 13.92
CA LEU B 25 -15.84 0.20 14.28
C LEU B 25 -15.75 0.08 15.79
N SER B 26 -15.47 -1.13 16.26
CA SER B 26 -15.26 -1.42 17.66
C SER B 26 -13.99 -2.24 17.73
N LEU B 27 -13.43 -2.39 18.94
CA LEU B 27 -12.26 -3.26 19.06
C LEU B 27 -12.53 -4.67 18.56
N PRO B 28 -13.59 -5.36 18.99
CA PRO B 28 -13.81 -6.72 18.46
C PRO B 28 -13.99 -6.77 16.95
N ARG B 29 -14.73 -5.81 16.38
CA ARG B 29 -14.91 -5.82 14.93
C ARG B 29 -13.57 -5.62 14.22
N LEU B 30 -12.73 -4.74 14.75
CA LEU B 30 -11.42 -4.49 14.15
C LEU B 30 -10.57 -5.75 14.16
N VAL B 31 -10.50 -6.43 15.31
CA VAL B 31 -9.70 -7.65 15.42
C VAL B 31 -10.24 -8.72 14.50
N ALA B 32 -11.57 -8.87 14.47
CA ALA B 32 -12.19 -9.88 13.62
C ALA B 32 -11.89 -9.64 12.16
N LEU B 33 -11.95 -8.39 11.72
CA LEU B 33 -11.70 -8.10 10.31
C LEU B 33 -10.25 -8.34 9.94
N LEU B 34 -9.31 -7.93 10.80
CA LEU B 34 -7.90 -8.19 10.53
C LEU B 34 -7.60 -9.68 10.51
N LYS B 35 -8.12 -10.42 11.49
CA LYS B 35 -7.88 -11.86 11.52
C LYS B 35 -8.52 -12.56 10.33
N GLY B 36 -9.67 -12.06 9.86
CA GLY B 36 -10.31 -12.65 8.69
C GLY B 36 -9.45 -12.60 7.43
N GLN B 37 -8.56 -11.60 7.35
CA GLN B 37 -7.59 -11.49 6.27
C GLN B 37 -6.24 -12.10 6.65
N GLY B 38 -6.19 -12.87 7.74
CA GLY B 38 -4.96 -13.54 8.13
C GLY B 38 -3.86 -12.63 8.63
N LEU B 39 -4.19 -11.39 8.99
CA LEU B 39 -3.18 -10.47 9.46
C LEU B 39 -2.92 -10.68 10.95
N GLU B 40 -1.65 -10.65 11.34
CA GLU B 40 -1.27 -10.73 12.74
C GLU B 40 -1.56 -9.39 13.40
N VAL B 41 -2.26 -9.42 14.53
CA VAL B 41 -2.67 -8.20 15.23
C VAL B 41 -1.77 -8.01 16.44
N GLY B 42 -1.08 -6.87 16.49
CA GLY B 42 -0.34 -6.48 17.67
C GLY B 42 -1.21 -5.65 18.60
N LYS B 43 -0.56 -4.71 19.29
CA LYS B 43 -1.26 -3.86 20.23
C LYS B 43 -2.38 -3.08 19.53
N VAL B 44 -3.48 -2.87 20.25
CA VAL B 44 -4.58 -2.03 19.80
C VAL B 44 -4.78 -0.96 20.87
N ALA B 45 -5.03 0.28 20.43
CA ALA B 45 -5.26 1.40 21.34
C ALA B 45 -6.32 2.32 20.75
N GLU B 46 -6.84 3.24 21.57
CA GLU B 46 -7.83 4.19 21.09
C GLU B 46 -7.18 5.32 20.30
N ALA B 47 -7.86 5.73 19.23
CA ALA B 47 -7.47 6.88 18.42
C ALA B 47 -8.66 7.80 18.26
N GLU B 48 -8.40 9.01 17.75
CA GLU B 48 -9.50 9.93 17.42
C GLU B 48 -10.30 9.36 16.26
N GLY B 49 -11.55 8.99 16.52
CA GLY B 49 -12.43 8.47 15.48
C GLY B 49 -12.17 7.03 15.09
N GLY B 50 -11.39 6.29 15.87
CA GLY B 50 -11.10 4.91 15.52
C GLY B 50 -10.09 4.31 16.47
N PHE B 51 -9.13 3.58 15.92
CA PHE B 51 -8.16 2.86 16.74
C PHE B 51 -6.78 2.96 16.09
N TYR B 52 -5.76 2.83 16.92
CA TYR B 52 -4.42 2.51 16.46
C TYR B 52 -4.24 1.00 16.57
N VAL B 53 -3.58 0.41 15.59
CA VAL B 53 -3.37 -1.02 15.60
C VAL B 53 -2.02 -1.32 14.98
N ASP B 54 -1.25 -2.19 15.63
CA ASP B 54 0.05 -2.61 15.12
C ASP B 54 -0.14 -3.80 14.21
N LEU B 55 0.42 -3.71 13.01
CA LEU B 55 0.50 -4.79 12.06
C LEU B 55 1.97 -5.03 11.73
N ARG B 56 2.27 -6.18 11.15
CA ARG B 56 3.64 -6.42 10.75
C ARG B 56 4.05 -5.45 9.65
N PRO B 57 5.32 -5.06 9.59
CA PRO B 57 5.70 -3.95 8.69
C PRO B 57 5.44 -4.20 7.22
N GLU B 58 5.50 -5.45 6.75
CA GLU B 58 5.25 -5.77 5.36
C GLU B 58 3.86 -6.36 5.13
N ALA B 59 3.03 -6.45 6.16
CA ALA B 59 1.67 -6.90 5.97
C ALA B 59 0.96 -5.95 5.01
N ARG B 60 0.07 -6.50 4.20
CA ARG B 60 -0.65 -5.72 3.20
C ARG B 60 -1.91 -5.14 3.85
N PRO B 61 -1.99 -3.83 4.07
CA PRO B 61 -3.07 -3.26 4.89
C PRO B 61 -4.32 -2.98 4.05
N GLU B 62 -4.87 -4.04 3.47
CA GLU B 62 -6.06 -3.96 2.62
C GLU B 62 -7.10 -4.91 3.20
N VAL B 63 -8.11 -4.35 3.88
CA VAL B 63 -9.11 -5.12 4.59
C VAL B 63 -10.47 -4.49 4.31
N ALA B 64 -11.36 -5.24 3.66
CA ALA B 64 -12.70 -4.74 3.40
C ALA B 64 -13.38 -4.40 4.73
N GLY B 65 -14.00 -3.22 4.79
CA GLY B 65 -14.59 -2.73 6.01
C GLY B 65 -13.69 -1.86 6.85
N LEU B 66 -12.42 -1.72 6.47
CA LEU B 66 -11.47 -0.89 7.22
C LEU B 66 -10.75 0.05 6.28
N ARG B 67 -10.39 1.20 6.81
CA ARG B 67 -9.42 2.12 6.25
C ARG B 67 -8.21 2.10 7.17
N LEU B 68 -7.03 1.81 6.63
CA LEU B 68 -5.80 1.69 7.40
C LEU B 68 -4.76 2.63 6.82
N GLU B 69 -4.20 3.50 7.65
CA GLU B 69 -3.21 4.46 7.20
C GLU B 69 -2.11 4.49 8.26
N PRO B 70 -0.83 4.43 7.85
CA PRO B 70 0.27 4.46 8.84
C PRO B 70 0.19 5.70 9.71
N ALA B 71 0.44 5.51 11.01
CA ALA B 71 0.37 6.62 11.96
C ALA B 71 1.75 7.24 12.18
S SO4 C . 12.09 2.79 13.95
O1 SO4 C . 10.76 2.36 13.52
O2 SO4 C . 12.00 3.45 15.24
O3 SO4 C . 12.94 1.61 14.11
O4 SO4 C . 12.70 3.69 12.98
#